data_2G0W
#
_entry.id   2G0W
#
_cell.length_a   62.832
_cell.length_b   61.249
_cell.length_c   70.428
_cell.angle_alpha   90.00
_cell.angle_beta   91.10
_cell.angle_gamma   90.00
#
_symmetry.space_group_name_H-M   'P 1 21 1'
#
loop_
_entity.id
_entity.type
_entity.pdbx_description
1 polymer 'Lmo2234 protein'
2 non-polymer 'MAGNESIUM ION'
3 non-polymer 'TETRAETHYLENE GLYCOL'
4 water water
#
_entity_poly.entity_id   1
_entity_poly.type   'polypeptide(L)'
_entity_poly.pdbx_seq_one_letter_code
;(MSE)GSDKIHHHHHH(MSE)TNANGNLKKCPITISSYTLGTEVSFPKRVKVAAENGFDGIGLRAENYVDALAAGLTDED
(MSE)LRILDEHN(MSE)KVTEVEYITQWGTAEDRTAEQQKKEQTTFH(MSE)ARLFGVKHINCGLLEKIPEEQIIVALG
ELCDRAEELIIGLEF(MSE)PYSGVADLQAAWRVAEACGRDNAQLICDTWHWARANQTAESIKNVPADRIVSIQLCDVHE
TPYKELREESLHDRLAPGEGYGDTVGFAKILKEHGVNPRV(MSE)GVEVISDS(MSE)VATGLEYAALKVYNATKKVLDE
AWPEISPR
;
_entity_poly.pdbx_strand_id   A,B
#
# COMPACT_ATOMS: atom_id res chain seq x y z
N LYS A 22 36.97 -8.74 -3.39
CA LYS A 22 37.07 -7.26 -3.63
C LYS A 22 36.02 -6.47 -2.87
N CYS A 23 36.44 -5.30 -2.41
CA CYS A 23 35.55 -4.44 -1.67
C CYS A 23 35.89 -2.96 -1.89
N PRO A 24 35.11 -2.30 -2.77
CA PRO A 24 35.40 -0.91 -3.09
C PRO A 24 35.22 0.02 -1.88
N ILE A 25 36.28 0.78 -1.60
CA ILE A 25 36.29 1.80 -0.56
C ILE A 25 35.56 3.01 -1.13
N THR A 26 34.44 3.30 -0.50
CA THR A 26 33.42 4.16 -1.07
C THR A 26 33.22 5.38 -0.19
N ILE A 27 33.21 6.57 -0.77
CA ILE A 27 32.93 7.78 -0.03
C ILE A 27 31.46 8.04 -0.12
N SER A 28 30.78 7.88 1.00
CA SER A 28 29.32 7.92 0.99
C SER A 28 28.82 9.34 0.68
N SER A 29 27.60 9.41 0.19
CA SER A 29 27.05 10.69 -0.30
C SER A 29 27.19 11.84 0.69
N TYR A 30 26.77 11.64 1.90
CA TYR A 30 26.71 12.72 2.87
C TYR A 30 28.07 13.24 3.22
N THR A 31 29.09 12.40 3.03
CA THR A 31 30.47 12.76 3.40
C THR A 31 30.95 14.02 2.65
N LEU A 32 30.35 14.26 1.51
CA LEU A 32 30.71 15.45 0.74
C LEU A 32 29.58 16.45 0.69
N GLY A 33 28.65 16.38 1.62
CA GLY A 33 27.60 17.37 1.63
C GLY A 33 26.49 17.15 0.60
N THR A 34 25.71 18.20 0.39
CA THR A 34 24.53 18.13 -0.40
C THR A 34 24.55 19.16 -1.52
N GLU A 35 25.65 19.85 -1.71
CA GLU A 35 25.68 20.92 -2.69
C GLU A 35 26.56 20.63 -3.90
N VAL A 36 27.62 19.86 -3.71
CA VAL A 36 28.63 19.66 -4.69
C VAL A 36 28.00 19.10 -5.98
N SER A 37 28.40 19.58 -7.14
CA SER A 37 27.96 18.95 -8.39
C SER A 37 28.44 17.49 -8.50
N PHE A 38 27.72 16.74 -9.32
CA PHE A 38 28.11 15.38 -9.65
C PHE A 38 29.55 15.29 -10.19
N PRO A 39 29.93 16.14 -11.18
CA PRO A 39 31.27 15.91 -11.72
C PRO A 39 32.35 16.26 -10.70
N LYS A 40 32.03 17.18 -9.77
CA LYS A 40 33.02 17.57 -8.77
C LYS A 40 33.11 16.45 -7.73
N ARG A 41 31.95 15.92 -7.38
CA ARG A 41 31.89 14.77 -6.47
C ARG A 41 32.76 13.62 -6.96
N VAL A 42 32.62 13.29 -8.23
CA VAL A 42 33.40 12.21 -8.78
C VAL A 42 34.87 12.56 -8.74
N LYS A 43 35.19 13.77 -9.14
CA LYS A 43 36.60 14.16 -9.29
C LYS A 43 37.34 14.17 -7.93
N VAL A 44 36.67 14.72 -6.91
CA VAL A 44 37.23 14.85 -5.60
C VAL A 44 37.47 13.47 -5.01
N ALA A 45 36.52 12.58 -5.20
CA ALA A 45 36.63 11.16 -4.80
C ALA A 45 37.82 10.41 -5.43
N ALA A 46 37.92 10.56 -6.74
CA ALA A 46 38.91 9.93 -7.57
C ALA A 46 40.29 10.44 -7.18
N GLU A 47 40.41 11.77 -7.09
CA GLU A 47 41.67 12.41 -6.72
C GLU A 47 42.17 11.94 -5.36
N ASN A 48 41.26 11.53 -4.50
CA ASN A 48 41.62 11.14 -3.11
C ASN A 48 41.74 9.64 -2.79
N GLY A 49 41.65 8.82 -3.82
CA GLY A 49 41.93 7.42 -3.70
C GLY A 49 40.74 6.50 -3.52
N PHE A 50 39.54 7.05 -3.63
CA PHE A 50 38.36 6.23 -3.51
C PHE A 50 38.09 5.43 -4.78
N ASP A 51 37.60 4.21 -4.54
CA ASP A 51 37.16 3.32 -5.62
C ASP A 51 35.75 3.61 -6.13
N GLY A 52 34.94 4.22 -5.27
CA GLY A 52 33.60 4.64 -5.65
C GLY A 52 32.99 5.72 -4.80
N ILE A 53 31.88 6.24 -5.34
CA ILE A 53 31.06 7.17 -4.61
C ILE A 53 29.69 6.56 -4.26
N GLY A 54 29.10 7.03 -3.17
CA GLY A 54 27.68 6.81 -2.94
C GLY A 54 26.85 7.95 -3.45
N LEU A 55 25.62 7.65 -3.83
CA LEU A 55 24.71 8.68 -4.33
C LEU A 55 23.38 8.52 -3.64
N ARG A 56 22.86 9.63 -3.13
CA ARG A 56 21.47 9.76 -2.71
C ARG A 56 20.58 10.06 -3.92
N ALA A 57 19.30 9.67 -3.84
CA ALA A 57 18.34 10.01 -4.93
C ALA A 57 18.37 11.50 -5.25
N GLU A 58 18.51 12.32 -4.19
CA GLU A 58 18.53 13.77 -4.30
C GLU A 58 19.68 14.23 -5.17
N ASN A 59 20.85 13.62 -4.98
CA ASN A 59 22.02 13.94 -5.77
C ASN A 59 21.75 13.64 -7.25
N TYR A 60 21.03 12.56 -7.48
CA TYR A 60 20.76 12.09 -8.83
C TYR A 60 19.77 13.02 -9.55
N VAL A 61 18.71 13.40 -8.83
CA VAL A 61 17.69 14.38 -9.30
C VAL A 61 18.33 15.74 -9.55
N ASP A 62 19.25 16.17 -8.69
CA ASP A 62 19.98 17.43 -8.88
C ASP A 62 20.79 17.38 -10.16
N ALA A 63 21.38 16.23 -10.44
CA ALA A 63 22.22 16.10 -11.61
C ALA A 63 21.35 16.20 -12.85
N LEU A 64 20.24 15.49 -12.85
CA LEU A 64 19.28 15.61 -13.95
C LEU A 64 18.80 17.06 -14.10
N ALA A 65 18.42 17.71 -13.00
CA ALA A 65 18.04 19.11 -13.02
C ALA A 65 19.15 20.01 -13.60
N ALA A 66 20.42 19.68 -13.38
CA ALA A 66 21.53 20.47 -13.93
C ALA A 66 21.78 20.17 -15.39
N GLY A 67 20.97 19.29 -15.97
CA GLY A 67 21.06 19.04 -17.42
C GLY A 67 21.92 17.83 -17.74
N LEU A 68 22.34 17.10 -16.69
CA LEU A 68 23.08 15.87 -16.91
C LEU A 68 22.08 14.75 -17.16
N THR A 69 22.49 13.79 -17.99
CA THR A 69 21.72 12.61 -18.30
C THR A 69 22.36 11.39 -17.63
N ASP A 70 21.60 10.30 -17.56
CA ASP A 70 22.11 9.03 -17.09
C ASP A 70 23.43 8.72 -17.82
N GLU A 71 23.38 8.79 -19.15
CA GLU A 71 24.49 8.58 -20.05
C GLU A 71 25.74 9.46 -19.75
N ASP A 72 25.51 10.74 -19.54
CA ASP A 72 26.57 11.66 -19.19
C ASP A 72 27.19 11.25 -17.86
N LEU A 74 27.36 8.26 -16.52
CA LEU A 74 28.20 7.09 -16.84
C LEU A 74 29.55 7.50 -17.50
N ARG A 75 29.48 8.40 -18.45
CA ARG A 75 30.68 8.89 -19.13
C ARG A 75 31.70 9.52 -18.12
N ILE A 76 31.20 10.37 -17.22
CA ILE A 76 32.01 11.12 -16.23
C ILE A 76 32.70 10.15 -15.28
N LEU A 77 31.95 9.19 -14.75
CA LEU A 77 32.52 8.12 -13.96
C LEU A 77 33.62 7.38 -14.73
N ASP A 78 33.33 7.02 -15.96
CA ASP A 78 34.30 6.33 -16.77
C ASP A 78 35.56 7.22 -17.00
N GLU A 79 35.34 8.50 -17.24
CA GLU A 79 36.43 9.49 -17.43
C GLU A 79 37.40 9.53 -16.23
N HIS A 80 36.87 9.31 -15.03
CA HIS A 80 37.70 9.24 -13.81
C HIS A 80 38.01 7.85 -13.28
N ASN A 81 37.76 6.82 -14.08
CA ASN A 81 37.92 5.45 -13.67
C ASN A 81 37.19 5.19 -12.35
N LYS A 83 33.22 4.45 -10.14
CA LYS A 83 31.90 3.83 -10.10
C LYS A 83 31.07 4.43 -9.01
N VAL A 84 29.75 4.38 -9.19
CA VAL A 84 28.82 4.64 -8.09
C VAL A 84 28.62 3.24 -7.51
N THR A 85 28.92 3.08 -6.23
CA THR A 85 28.87 1.78 -5.58
C THR A 85 27.89 1.69 -4.42
N GLU A 86 27.18 2.77 -4.13
CA GLU A 86 26.22 2.80 -3.05
C GLU A 86 25.04 3.69 -3.48
N VAL A 87 23.83 3.26 -3.21
CA VAL A 87 22.60 3.98 -3.63
C VAL A 87 21.70 4.08 -2.46
N GLU A 88 21.14 5.27 -2.21
CA GLU A 88 20.35 5.47 -1.03
C GLU A 88 19.38 6.65 -1.25
N TYR A 89 18.45 6.91 -0.31
CA TYR A 89 18.22 6.13 0.94
C TYR A 89 16.70 5.97 0.99
N ILE A 90 16.22 4.73 1.06
CA ILE A 90 14.78 4.46 1.18
C ILE A 90 14.30 4.49 2.63
N THR A 91 13.29 5.33 2.87
CA THR A 91 12.64 5.48 4.17
C THR A 91 11.14 5.61 3.95
N GLN A 92 10.40 5.81 5.04
CA GLN A 92 9.00 6.15 4.93
C GLN A 92 8.18 5.04 4.23
N TRP A 93 8.63 3.78 4.39
CA TRP A 93 7.98 2.59 3.85
C TRP A 93 7.18 1.76 4.86
N GLY A 94 7.15 2.17 6.12
CA GLY A 94 6.50 1.38 7.14
C GLY A 94 4.99 1.39 7.19
N THR A 95 4.37 2.43 6.63
CA THR A 95 2.93 2.55 6.77
C THR A 95 2.32 3.05 5.46
N ALA A 96 1.10 2.61 5.23
CA ALA A 96 0.28 3.11 4.13
C ALA A 96 0.31 4.63 4.03
N GLU A 97 0.09 5.36 5.14
CA GLU A 97 0.14 6.86 5.14
C GLU A 97 1.53 7.45 4.76
N ASP A 98 2.61 6.72 5.02
CA ASP A 98 3.97 7.18 4.69
C ASP A 98 4.31 6.94 3.21
N ARG A 99 3.75 5.87 2.64
CA ARG A 99 4.03 5.46 1.25
C ARG A 99 3.23 6.26 0.26
N THR A 100 3.54 7.54 0.23
CA THR A 100 2.94 8.50 -0.67
C THR A 100 3.53 8.35 -2.08
N ALA A 101 3.01 9.13 -3.00
CA ALA A 101 3.41 9.01 -4.39
C ALA A 101 4.86 9.43 -4.53
N GLU A 102 5.29 10.42 -3.72
CA GLU A 102 6.68 10.88 -3.73
C GLU A 102 7.63 9.87 -3.10
N GLN A 103 7.20 9.25 -2.01
CA GLN A 103 7.93 8.14 -1.37
C GLN A 103 8.18 7.04 -2.39
N GLN A 104 7.08 6.63 -3.05
CA GLN A 104 7.13 5.55 -4.02
C GLN A 104 7.98 5.94 -5.24
N LYS A 105 7.93 7.22 -5.63
CA LYS A 105 8.82 7.79 -6.66
C LYS A 105 10.28 7.68 -6.26
N LYS A 106 10.57 7.95 -4.98
CA LYS A 106 11.93 7.87 -4.50
C LYS A 106 12.38 6.43 -4.53
N GLU A 107 11.53 5.52 -4.05
CA GLU A 107 11.85 4.08 -4.14
C GLU A 107 12.22 3.70 -5.58
N GLN A 108 11.32 4.02 -6.51
CA GLN A 108 11.55 3.72 -7.92
C GLN A 108 12.85 4.35 -8.46
N THR A 109 13.11 5.57 -8.09
CA THR A 109 14.34 6.22 -8.46
C THR A 109 15.58 5.52 -7.97
N THR A 110 15.62 5.10 -6.69
CA THR A 110 16.76 4.29 -6.23
C THR A 110 16.93 2.97 -6.98
N PHE A 111 15.84 2.31 -7.33
CA PHE A 111 15.90 1.04 -8.06
C PHE A 111 16.54 1.24 -9.42
N HIS A 112 16.08 2.27 -10.13
CA HIS A 112 16.66 2.60 -11.39
C HIS A 112 18.17 2.99 -11.30
N ALA A 114 20.29 2.04 -9.02
CA ALA A 114 21.08 0.88 -8.77
C ALA A 114 21.37 0.08 -10.03
N ARG A 115 20.33 -0.19 -10.81
CA ARG A 115 20.46 -0.82 -12.13
C ARG A 115 21.39 -0.06 -13.11
N LEU A 116 21.17 1.24 -13.19
CA LEU A 116 22.01 2.08 -14.01
C LEU A 116 23.48 1.92 -13.68
N PHE A 117 23.85 2.04 -12.40
CA PHE A 117 25.23 2.19 -12.00
C PHE A 117 25.86 0.86 -11.61
N GLY A 118 25.05 -0.21 -11.71
CA GLY A 118 25.46 -1.58 -11.41
C GLY A 118 25.54 -1.94 -9.95
N VAL A 119 24.82 -1.20 -9.12
CA VAL A 119 24.80 -1.42 -7.64
C VAL A 119 23.79 -2.51 -7.33
N LYS A 120 24.16 -3.43 -6.42
CA LYS A 120 23.32 -4.60 -6.10
C LYS A 120 22.40 -4.44 -4.90
N HIS A 121 22.66 -3.46 -4.06
CA HIS A 121 21.90 -3.23 -2.83
C HIS A 121 21.58 -1.75 -2.66
N ILE A 122 20.51 -1.47 -1.94
CA ILE A 122 20.11 -0.09 -1.66
C ILE A 122 19.96 0.12 -0.15
N ASN A 123 20.57 1.20 0.32
CA ASN A 123 20.45 1.56 1.74
C ASN A 123 19.04 2.02 2.10
N CYS A 124 18.60 1.56 3.24
CA CYS A 124 17.27 1.67 3.73
C CYS A 124 17.27 1.78 5.25
N GLY A 125 16.37 2.59 5.78
CA GLY A 125 16.21 2.86 7.25
C GLY A 125 14.74 3.08 7.52
N LEU A 126 14.32 2.88 8.75
CA LEU A 126 12.95 3.17 9.15
C LEU A 126 12.91 4.07 10.36
N LEU A 127 12.63 5.36 10.15
CA LEU A 127 12.60 6.30 11.30
C LEU A 127 11.41 6.06 12.24
N GLU A 128 10.26 5.74 11.67
CA GLU A 128 9.00 5.62 12.40
C GLU A 128 9.06 4.39 13.31
N LYS A 129 8.65 4.59 14.53
CA LYS A 129 8.70 3.54 15.53
C LYS A 129 7.39 2.77 15.51
N ILE A 130 7.24 1.87 14.56
CA ILE A 130 5.98 1.15 14.45
C ILE A 130 6.08 -0.25 15.06
N PRO A 131 4.92 -0.88 15.40
CA PRO A 131 4.98 -2.23 15.95
C PRO A 131 5.69 -3.14 14.98
N GLU A 132 6.51 -4.03 15.53
CA GLU A 132 7.39 -4.83 14.75
C GLU A 132 6.65 -5.75 13.81
N GLU A 133 5.46 -6.22 14.16
CA GLU A 133 4.78 -7.08 13.21
C GLU A 133 4.44 -6.29 11.92
N GLN A 134 4.19 -4.98 12.05
CA GLN A 134 3.88 -4.13 10.88
C GLN A 134 5.16 -3.94 10.05
N ILE A 135 6.28 -3.83 10.77
CA ILE A 135 7.59 -3.67 10.11
C ILE A 135 7.90 -4.89 9.28
N ILE A 136 7.68 -6.09 9.83
CA ILE A 136 7.96 -7.32 9.10
C ILE A 136 7.21 -7.37 7.75
N VAL A 137 5.94 -7.00 7.84
CA VAL A 137 5.08 -7.05 6.68
C VAL A 137 5.53 -6.01 5.66
N ALA A 138 5.80 -4.81 6.14
CA ALA A 138 6.18 -3.70 5.23
C ALA A 138 7.52 -3.97 4.57
N LEU A 139 8.40 -4.61 5.33
CA LEU A 139 9.72 -4.90 4.83
C LEU A 139 9.62 -5.91 3.74
N GLY A 140 8.87 -6.99 4.00
CA GLY A 140 8.60 -8.00 2.98
C GLY A 140 8.11 -7.38 1.69
N GLU A 141 7.11 -6.52 1.81
CA GLU A 141 6.57 -5.80 0.65
C GLU A 141 7.66 -4.97 -0.07
N LEU A 142 8.44 -4.19 0.68
CA LEU A 142 9.57 -3.46 0.07
C LEU A 142 10.58 -4.36 -0.70
N CYS A 143 10.93 -5.49 -0.11
CA CYS A 143 11.82 -6.39 -0.78
C CYS A 143 11.17 -6.91 -2.06
N ASP A 144 9.86 -7.19 -2.02
CA ASP A 144 9.12 -7.60 -3.23
C ASP A 144 9.22 -6.55 -4.32
N ARG A 145 8.98 -5.30 -3.95
CA ARG A 145 9.14 -4.17 -4.87
C ARG A 145 10.56 -4.02 -5.47
N ALA A 146 11.57 -4.37 -4.70
CA ALA A 146 12.97 -4.25 -5.07
C ALA A 146 13.38 -5.29 -6.07
N GLU A 147 12.60 -6.40 -6.14
CA GLU A 147 12.84 -7.55 -7.07
C GLU A 147 14.22 -8.16 -6.87
N GLU A 148 15.13 -8.03 -7.82
CA GLU A 148 16.44 -8.66 -7.70
C GLU A 148 17.37 -7.86 -6.78
N LEU A 149 17.04 -6.58 -6.55
CA LEU A 149 17.93 -5.70 -5.72
C LEU A 149 17.79 -6.08 -4.24
N ILE A 150 18.88 -5.91 -3.51
CA ILE A 150 18.97 -6.25 -2.11
C ILE A 150 18.59 -5.02 -1.29
N ILE A 151 17.73 -5.23 -0.32
CA ILE A 151 17.37 -4.17 0.62
C ILE A 151 18.36 -4.25 1.79
N GLY A 152 19.21 -3.22 1.93
CA GLY A 152 20.19 -3.15 3.02
C GLY A 152 19.60 -2.34 4.14
N LEU A 153 18.97 -3.02 5.08
CA LEU A 153 18.29 -2.37 6.22
C LEU A 153 19.30 -1.95 7.27
N GLU A 154 19.28 -0.66 7.61
CA GLU A 154 20.24 -0.05 8.54
C GLU A 154 19.57 0.24 9.89
N PHE A 155 20.01 -0.44 10.94
CA PHE A 155 19.53 -0.14 12.26
C PHE A 155 20.10 1.18 12.70
N PRO A 157 19.85 3.74 16.45
CA PRO A 157 19.37 3.82 17.86
C PRO A 157 18.09 4.66 18.17
N TYR A 158 17.85 5.65 17.30
CA TYR A 158 16.74 6.56 17.36
C TYR A 158 15.63 6.26 16.34
N SER A 159 15.61 5.04 15.78
CA SER A 159 14.70 4.69 14.73
C SER A 159 13.75 3.55 15.16
N GLY A 160 12.92 3.08 14.23
CA GLY A 160 12.01 1.97 14.50
C GLY A 160 12.69 0.59 14.44
N VAL A 161 13.96 0.60 14.05
CA VAL A 161 14.79 -0.63 14.05
C VAL A 161 16.06 -0.25 14.77
N ALA A 162 16.11 -0.53 16.06
CA ALA A 162 17.01 0.21 16.92
C ALA A 162 18.41 -0.41 17.14
N ASP A 163 18.56 -1.68 16.82
CA ASP A 163 19.82 -2.37 17.02
C ASP A 163 19.92 -3.53 16.04
N LEU A 164 21.08 -4.14 15.95
CA LEU A 164 21.30 -5.17 14.95
C LEU A 164 20.38 -6.45 15.10
N GLN A 165 20.16 -6.88 16.33
CA GLN A 165 19.28 -7.99 16.61
C GLN A 165 17.88 -7.69 16.06
N ALA A 166 17.41 -6.45 16.23
CA ALA A 166 16.09 -6.03 15.73
C ALA A 166 15.97 -6.03 14.22
N ALA A 167 17.00 -5.48 13.57
CA ALA A 167 17.15 -5.53 12.11
C ALA A 167 17.15 -6.98 11.65
N TRP A 168 17.90 -7.88 12.29
CA TRP A 168 17.93 -9.27 11.83
C TRP A 168 16.58 -9.94 12.07
N ARG A 169 16.00 -9.71 13.23
CA ARG A 169 14.68 -10.26 13.55
C ARG A 169 13.68 -10.02 12.43
N VAL A 170 13.52 -8.76 12.05
CA VAL A 170 12.53 -8.40 11.05
C VAL A 170 12.92 -8.87 9.65
N ALA A 171 14.20 -8.79 9.29
CA ALA A 171 14.63 -9.26 7.97
C ALA A 171 14.41 -10.76 7.85
N GLU A 172 14.75 -11.45 8.91
CA GLU A 172 14.57 -12.90 8.95
C GLU A 172 13.11 -13.21 8.79
N ALA A 173 12.26 -12.57 9.58
CA ALA A 173 10.85 -12.93 9.68
C ALA A 173 10.08 -12.61 8.41
N CYS A 174 10.54 -11.62 7.63
CA CYS A 174 9.83 -11.24 6.43
C CYS A 174 9.94 -12.38 5.39
N GLY A 175 10.97 -13.22 5.49
CA GLY A 175 11.11 -14.37 4.58
C GLY A 175 11.43 -14.10 3.13
N ARG A 176 12.02 -12.92 2.82
CA ARG A 176 12.62 -12.64 1.51
C ARG A 176 14.12 -12.72 1.62
N ASP A 177 14.73 -13.41 0.68
CA ASP A 177 16.16 -13.55 0.73
C ASP A 177 16.90 -12.22 0.46
N ASN A 178 16.25 -11.19 -0.10
CA ASN A 178 16.94 -9.90 -0.39
C ASN A 178 16.85 -8.87 0.75
N ALA A 179 16.38 -9.32 1.90
CA ALA A 179 16.30 -8.51 3.13
C ALA A 179 17.61 -8.72 3.82
N GLN A 180 18.49 -7.72 3.77
CA GLN A 180 19.83 -7.83 4.33
C GLN A 180 20.10 -6.58 5.18
N LEU A 181 21.33 -6.48 5.66
CA LEU A 181 21.69 -5.61 6.79
C LEU A 181 22.97 -4.79 6.54
N ILE A 182 22.94 -3.54 7.04
CA ILE A 182 24.05 -2.57 6.98
C ILE A 182 24.46 -2.25 8.39
N CYS A 183 25.78 -2.29 8.64
CA CYS A 183 26.34 -1.91 9.94
C CYS A 183 27.12 -0.62 9.74
N ASP A 184 26.67 0.46 10.37
CA ASP A 184 27.31 1.77 10.24
C ASP A 184 27.88 2.05 11.62
N THR A 185 29.16 2.44 11.69
CA THR A 185 29.87 2.53 12.96
C THR A 185 29.15 3.50 13.88
N TRP A 186 28.62 4.62 13.34
CA TRP A 186 27.98 5.61 14.19
C TRP A 186 26.78 4.99 14.94
N HIS A 187 25.90 4.36 14.17
CA HIS A 187 24.74 3.64 14.77
C HIS A 187 25.12 2.50 15.72
N TRP A 188 26.16 1.77 15.38
CA TRP A 188 26.65 0.65 16.22
C TRP A 188 27.09 1.18 17.56
N ALA A 189 27.89 2.25 17.54
CA ALA A 189 28.44 2.85 18.75
C ALA A 189 27.34 3.55 19.58
N ARG A 190 26.39 4.22 18.93
CA ARG A 190 25.36 4.92 19.65
C ARG A 190 24.22 4.01 20.15
N ALA A 191 24.18 2.80 19.62
CA ALA A 191 23.24 1.81 20.10
C ALA A 191 24.02 0.91 21.05
N ASN A 192 25.23 1.29 21.42
CA ASN A 192 26.02 0.49 22.38
C ASN A 192 26.14 -1.00 22.02
N GLN A 193 26.33 -1.28 20.74
CA GLN A 193 26.44 -2.64 20.30
C GLN A 193 27.76 -3.25 20.70
N THR A 194 27.75 -4.56 20.88
CA THR A 194 28.99 -5.29 21.17
C THR A 194 29.19 -6.50 20.27
N ALA A 195 30.20 -7.29 20.62
CA ALA A 195 30.39 -8.58 19.98
C ALA A 195 29.18 -9.47 20.04
N GLU A 196 28.46 -9.43 21.15
CA GLU A 196 27.24 -10.22 21.27
C GLU A 196 26.13 -9.77 20.32
N SER A 197 26.15 -8.53 19.86
CA SER A 197 25.07 -8.05 18.99
C SER A 197 24.92 -8.83 17.68
N ILE A 198 26.02 -9.40 17.24
CA ILE A 198 26.09 -10.11 15.97
C ILE A 198 25.65 -11.62 16.08
N LYS A 199 25.50 -12.13 17.30
CA LYS A 199 24.96 -13.49 17.59
C LYS A 199 23.69 -13.88 16.83
N ASN A 200 23.78 -15.03 16.18
CA ASN A 200 22.69 -15.58 15.42
C ASN A 200 22.41 -14.81 14.13
N VAL A 201 23.17 -13.74 13.85
CA VAL A 201 23.05 -13.05 12.54
C VAL A 201 23.96 -13.77 11.55
N PRO A 202 23.38 -14.42 10.53
CA PRO A 202 24.28 -15.01 9.52
C PRO A 202 25.18 -13.93 8.88
N ALA A 203 26.49 -14.18 8.88
CA ALA A 203 27.46 -13.27 8.28
C ALA A 203 27.08 -12.83 6.86
N ASP A 204 26.48 -13.73 6.08
CA ASP A 204 26.22 -13.42 4.69
C ASP A 204 24.98 -12.54 4.52
N ARG A 205 24.40 -12.10 5.64
CA ARG A 205 23.24 -11.19 5.63
C ARG A 205 23.64 -9.76 5.83
N ILE A 206 24.92 -9.53 6.11
CA ILE A 206 25.44 -8.18 6.27
C ILE A 206 26.03 -7.73 4.95
N VAL A 207 25.24 -6.90 4.26
CA VAL A 207 25.54 -6.56 2.86
C VAL A 207 26.57 -5.44 2.73
N SER A 208 26.64 -4.57 3.73
CA SER A 208 27.67 -3.55 3.72
C SER A 208 28.00 -3.02 5.07
N ILE A 209 29.14 -2.34 5.10
CA ILE A 209 29.68 -1.76 6.30
C ILE A 209 29.94 -0.31 5.98
N GLN A 210 29.67 0.55 6.96
CA GLN A 210 29.92 1.95 6.80
C GLN A 210 30.77 2.42 7.97
N LEU A 211 31.87 3.10 7.66
CA LEU A 211 32.85 3.50 8.68
C LEU A 211 32.84 4.97 8.98
N CYS A 212 32.99 5.24 10.27
CA CYS A 212 33.08 6.56 10.84
C CYS A 212 33.30 6.38 12.34
N ASP A 213 32.97 7.40 13.12
CA ASP A 213 33.24 7.40 14.54
C ASP A 213 32.38 8.41 15.21
N VAL A 214 32.39 8.39 16.55
CA VAL A 214 31.46 9.18 17.37
C VAL A 214 32.20 10.08 18.34
N HIS A 215 31.64 11.27 18.58
CA HIS A 215 32.08 12.16 19.67
C HIS A 215 31.95 11.48 21.02
N GLU A 216 32.68 11.99 22.01
CA GLU A 216 32.66 11.38 23.36
C GLU A 216 31.26 11.53 23.91
N THR A 217 30.73 12.74 23.77
CA THR A 217 29.48 13.09 24.40
C THR A 217 28.39 13.17 23.34
N PRO A 218 27.38 12.31 23.42
CA PRO A 218 26.25 12.42 22.49
C PRO A 218 25.53 13.77 22.50
N TYR A 219 24.98 14.16 21.37
CA TYR A 219 24.00 15.24 21.32
C TYR A 219 22.69 14.90 22.09
N LYS A 220 22.01 15.95 22.53
CA LYS A 220 20.70 15.81 23.12
C LYS A 220 19.79 15.09 22.13
N GLU A 221 19.79 15.58 20.89
CA GLU A 221 19.05 15.01 19.79
C GLU A 221 20.03 14.15 18.99
N LEU A 222 20.00 12.83 19.21
CA LEU A 222 20.93 11.93 18.49
C LEU A 222 20.87 12.01 16.98
N ARG A 223 19.69 12.19 16.43
CA ARG A 223 19.50 12.30 14.99
C ARG A 223 20.18 13.54 14.36
N GLU A 224 20.12 14.68 15.06
CA GLU A 224 20.94 15.82 14.71
C GLU A 224 22.44 15.47 14.65
N GLU A 225 22.95 14.75 15.65
CA GLU A 225 24.38 14.42 15.66
C GLU A 225 24.74 13.57 14.42
N SER A 226 23.89 12.60 14.18
CA SER A 226 24.09 11.63 13.16
C SER A 226 24.17 12.27 11.80
N LEU A 227 23.31 13.26 11.56
CA LEU A 227 23.28 13.98 10.28
C LEU A 227 24.16 15.23 10.14
N HIS A 228 24.94 15.58 11.19
CA HIS A 228 25.65 16.83 11.21
C HIS A 228 27.01 16.81 11.83
N ASP A 229 27.30 15.85 12.74
CA ASP A 229 28.54 15.89 13.56
C ASP A 229 29.10 14.53 13.92
N ARG A 230 29.35 13.70 12.92
CA ARG A 230 30.16 12.49 13.02
C ARG A 230 31.66 12.81 12.89
N LEU A 231 32.52 11.90 13.39
CA LEU A 231 33.96 11.98 13.27
C LEU A 231 34.47 10.99 12.22
N ALA A 232 35.71 11.22 11.80
CA ALA A 232 36.33 10.32 10.84
C ALA A 232 36.69 8.96 11.52
N PRO A 233 36.77 7.83 10.76
CA PRO A 233 37.05 6.52 11.37
C PRO A 233 38.27 6.54 12.32
N GLY A 234 38.07 5.98 13.48
CA GLY A 234 39.06 5.87 14.51
C GLY A 234 39.53 7.14 15.18
N GLU A 235 38.93 8.27 14.87
CA GLU A 235 39.37 9.55 15.46
C GLU A 235 38.49 9.94 16.63
N GLY A 236 37.60 9.03 17.00
CA GLY A 236 36.54 9.33 17.93
C GLY A 236 36.54 8.39 19.11
N TYR A 237 35.34 8.15 19.64
CA TYR A 237 35.15 7.39 20.87
C TYR A 237 34.32 6.10 20.66
N GLY A 238 34.10 5.73 19.40
CA GLY A 238 33.29 4.56 19.10
C GLY A 238 33.96 3.25 18.68
N ASP A 239 35.29 3.14 18.92
CA ASP A 239 36.12 1.93 18.69
C ASP A 239 35.84 1.38 17.32
N THR A 240 36.03 2.23 16.32
CA THR A 240 35.87 1.85 14.93
C THR A 240 36.75 0.64 14.63
N VAL A 241 37.92 0.60 15.24
CA VAL A 241 38.86 -0.51 15.02
C VAL A 241 38.26 -1.83 15.53
N GLY A 242 37.71 -1.80 16.74
CA GLY A 242 37.11 -2.99 17.37
C GLY A 242 35.88 -3.47 16.62
N PHE A 243 35.08 -2.50 16.18
CA PHE A 243 33.90 -2.73 15.36
C PHE A 243 34.27 -3.49 14.05
N ALA A 244 35.24 -2.95 13.30
CA ALA A 244 35.70 -3.59 12.03
C ALA A 244 36.21 -4.99 12.31
N LYS A 245 37.00 -5.15 13.37
CA LYS A 245 37.50 -6.50 13.72
C LYS A 245 36.39 -7.51 14.04
N ILE A 246 35.35 -7.09 14.78
CA ILE A 246 34.19 -7.93 15.05
C ILE A 246 33.56 -8.45 13.76
N LEU A 247 33.33 -7.56 12.80
CA LEU A 247 32.66 -7.92 11.57
C LEU A 247 33.54 -8.81 10.71
N LYS A 248 34.81 -8.47 10.66
CA LYS A 248 35.81 -9.31 10.00
C LYS A 248 35.79 -10.74 10.55
N GLU A 249 35.94 -10.86 11.86
CA GLU A 249 36.12 -12.17 12.47
C GLU A 249 34.83 -13.01 12.36
N HIS A 250 33.69 -12.32 12.34
CA HIS A 250 32.39 -12.98 12.17
C HIS A 250 32.23 -13.58 10.76
N GLY A 251 33.08 -13.11 9.84
CA GLY A 251 33.14 -13.61 8.47
C GLY A 251 32.34 -12.78 7.47
N VAL A 252 32.01 -11.55 7.84
CA VAL A 252 31.30 -10.64 6.94
C VAL A 252 32.16 -10.37 5.70
N ASN A 253 31.51 -10.32 4.52
CA ASN A 253 32.16 -10.02 3.26
C ASN A 253 31.41 -8.87 2.63
N PRO A 254 31.74 -7.61 3.02
CA PRO A 254 30.87 -6.52 2.55
C PRO A 254 30.99 -6.23 1.04
N ARG A 255 29.89 -5.82 0.44
CA ARG A 255 29.84 -5.51 -0.99
C ARG A 255 30.51 -4.19 -1.21
N VAL A 256 30.44 -3.31 -0.21
CA VAL A 256 31.12 -1.99 -0.20
C VAL A 256 31.57 -1.69 1.24
N GLY A 258 31.66 1.56 2.90
CA GLY A 258 31.28 2.95 2.84
C GLY A 258 32.02 3.72 3.93
N VAL A 259 32.26 4.99 3.64
CA VAL A 259 32.88 5.93 4.57
C VAL A 259 31.87 7.05 4.64
N GLU A 260 31.15 7.06 5.76
CA GLU A 260 29.98 7.92 5.92
C GLU A 260 30.21 8.83 7.13
N VAL A 261 30.95 9.90 6.90
CA VAL A 261 31.34 10.83 7.93
C VAL A 261 30.63 12.15 7.60
N ILE A 262 29.49 12.32 8.23
CA ILE A 262 28.59 13.40 7.98
C ILE A 262 28.94 14.52 8.95
N SER A 263 29.56 15.57 8.40
CA SER A 263 30.15 16.62 9.25
C SER A 263 30.06 17.92 8.48
N ASP A 264 29.16 18.77 8.95
CA ASP A 264 28.99 20.09 8.37
C ASP A 264 30.31 20.88 8.48
N SER A 265 31.02 20.73 9.60
CA SER A 265 32.30 21.39 9.79
C SER A 265 33.37 20.96 8.77
N VAL A 267 32.94 19.52 5.72
CA VAL A 267 32.51 20.04 4.41
C VAL A 267 32.74 21.55 4.22
N ALA A 268 32.49 22.32 5.29
CA ALA A 268 32.61 23.78 5.26
C ALA A 268 34.04 24.16 5.14
N THR A 269 34.92 23.36 5.73
CA THR A 269 36.35 23.54 5.59
C THR A 269 36.80 23.33 4.15
N GLY A 270 36.29 22.29 3.48
CA GLY A 270 36.72 21.99 2.11
C GLY A 270 36.38 20.58 1.67
N LEU A 271 35.93 20.42 0.43
CA LEU A 271 35.61 19.06 -0.06
C LEU A 271 36.86 18.16 -0.14
N GLU A 272 37.94 18.76 -0.64
CA GLU A 272 39.21 18.12 -0.77
C GLU A 272 39.70 17.73 0.61
N TYR A 273 39.57 18.66 1.54
CA TYR A 273 39.90 18.48 2.96
C TYR A 273 39.15 17.30 3.53
N ALA A 274 37.85 17.30 3.30
CA ALA A 274 36.97 16.25 3.84
C ALA A 274 37.38 14.91 3.33
N ALA A 275 37.49 14.83 2.00
CA ALA A 275 37.88 13.62 1.30
C ALA A 275 39.21 13.07 1.76
N LEU A 276 40.21 13.94 1.88
CA LEU A 276 41.58 13.48 2.29
C LEU A 276 41.53 13.00 3.74
N LYS A 277 40.79 13.71 4.58
CA LYS A 277 40.81 13.45 6.01
C LYS A 277 40.21 12.08 6.24
N VAL A 278 39.05 11.84 5.66
CA VAL A 278 38.34 10.55 5.85
C VAL A 278 39.01 9.35 5.13
N TYR A 279 39.71 9.58 4.03
CA TYR A 279 40.49 8.53 3.40
C TYR A 279 41.65 8.09 4.29
N ASN A 280 42.44 9.06 4.73
CA ASN A 280 43.61 8.76 5.55
C ASN A 280 43.18 7.99 6.81
N ALA A 281 42.08 8.42 7.43
CA ALA A 281 41.53 7.80 8.65
C ALA A 281 41.04 6.40 8.41
N THR A 282 40.34 6.24 7.31
CA THR A 282 39.85 4.90 6.86
C THR A 282 41.01 3.96 6.67
N LYS A 283 42.04 4.44 5.97
CA LYS A 283 43.24 3.63 5.75
C LYS A 283 43.93 3.25 7.06
N LYS A 284 44.03 4.18 8.00
CA LYS A 284 44.59 3.86 9.32
C LYS A 284 43.85 2.69 10.05
N VAL A 285 42.52 2.78 10.07
CA VAL A 285 41.69 1.80 10.76
C VAL A 285 41.76 0.42 10.10
N LEU A 286 41.60 0.36 8.78
CA LEU A 286 41.59 -0.89 8.04
C LEU A 286 42.97 -1.51 7.99
N ASP A 287 44.04 -0.71 7.89
CA ASP A 287 45.39 -1.26 8.01
C ASP A 287 45.49 -2.10 9.28
N GLU A 288 44.97 -1.57 10.39
CA GLU A 288 45.01 -2.28 11.67
C GLU A 288 44.01 -3.44 11.75
N ALA A 289 42.74 -3.16 11.39
CA ALA A 289 41.66 -4.11 11.59
C ALA A 289 41.45 -5.12 10.44
N TRP A 290 41.75 -4.75 9.21
CA TRP A 290 41.34 -5.60 8.08
C TRP A 290 42.21 -5.28 6.90
N PRO A 291 43.52 -5.55 7.03
CA PRO A 291 44.45 -5.01 6.01
C PRO A 291 44.17 -5.43 4.60
N GLU A 292 43.60 -6.62 4.43
CA GLU A 292 43.32 -7.19 3.12
C GLU A 292 42.36 -6.32 2.29
N ILE A 293 41.51 -5.54 2.93
CA ILE A 293 40.61 -4.63 2.19
C ILE A 293 40.94 -3.16 2.35
N SER A 294 41.98 -2.84 3.12
CA SER A 294 42.37 -1.47 3.27
C SER A 294 42.78 -0.85 1.92
N PRO A 295 42.49 0.46 1.73
CA PRO A 295 42.93 1.09 0.46
C PRO A 295 44.46 1.28 0.37
N ARG A 296 45.01 1.08 -0.83
CA ARG A 296 46.46 0.89 -1.03
C ARG A 296 47.04 1.57 -2.26
N HIS B 11 -23.20 -16.21 9.06
CA HIS B 11 -24.43 -15.56 8.48
C HIS B 11 -25.03 -14.48 9.39
N HIS B 12 -24.32 -14.07 10.43
CA HIS B 12 -24.80 -12.98 11.30
C HIS B 12 -23.72 -11.94 11.52
N THR B 14 -22.73 -7.85 13.54
CA THR B 14 -23.00 -6.75 14.46
C THR B 14 -23.37 -5.49 13.67
N ASN B 15 -24.57 -4.95 13.92
CA ASN B 15 -25.06 -3.79 13.17
C ASN B 15 -24.47 -2.52 13.75
N ALA B 16 -24.83 -1.36 13.18
CA ALA B 16 -24.27 -0.07 13.63
C ALA B 16 -24.60 0.28 15.09
N ASN B 17 -25.72 -0.25 15.58
CA ASN B 17 -26.12 -0.11 16.99
C ASN B 17 -25.54 -1.21 17.90
N GLY B 18 -24.73 -2.11 17.34
CA GLY B 18 -24.06 -3.14 18.16
C GLY B 18 -24.90 -4.36 18.50
N ASN B 19 -26.02 -4.54 17.80
CA ASN B 19 -26.91 -5.67 18.04
C ASN B 19 -26.67 -6.69 16.94
N LEU B 20 -26.67 -7.98 17.29
CA LEU B 20 -26.37 -9.01 16.31
C LEU B 20 -27.54 -9.24 15.36
N LYS B 21 -27.26 -9.27 14.06
CA LYS B 21 -28.32 -9.38 13.05
C LYS B 21 -27.92 -10.39 11.99
N LYS B 22 -28.86 -11.22 11.60
CA LYS B 22 -28.68 -12.11 10.47
C LYS B 22 -28.48 -11.25 9.25
N CYS B 23 -27.57 -11.67 8.37
CA CYS B 23 -27.35 -10.94 7.13
C CYS B 23 -28.70 -10.62 6.43
N PRO B 24 -29.01 -9.33 6.21
CA PRO B 24 -30.26 -8.92 5.57
C PRO B 24 -30.31 -9.14 4.07
N ILE B 25 -31.38 -9.82 3.67
CA ILE B 25 -31.68 -9.99 2.27
C ILE B 25 -32.26 -8.64 1.85
N THR B 26 -31.57 -8.01 0.93
CA THR B 26 -31.80 -6.62 0.55
C THR B 26 -32.11 -6.50 -0.94
N ILE B 27 -33.20 -5.80 -1.22
CA ILE B 27 -33.46 -5.40 -2.61
C ILE B 27 -32.68 -4.08 -2.94
N SER B 28 -31.60 -4.20 -3.72
CA SER B 28 -30.82 -3.06 -4.13
C SER B 28 -31.64 -2.04 -4.96
N SER B 29 -31.18 -0.80 -4.94
CA SER B 29 -31.97 0.34 -5.42
C SER B 29 -32.40 0.16 -6.88
N TYR B 30 -31.45 -0.17 -7.76
CA TYR B 30 -31.80 -0.25 -9.17
C TYR B 30 -32.78 -1.39 -9.50
N THR B 31 -32.97 -2.37 -8.60
CA THR B 31 -33.92 -3.44 -8.87
C THR B 31 -35.36 -2.92 -8.94
N LEU B 32 -35.64 -1.82 -8.22
CA LEU B 32 -36.97 -1.15 -8.28
C LEU B 32 -37.04 0.08 -9.17
N GLY B 33 -36.02 0.29 -10.00
CA GLY B 33 -35.94 1.47 -10.92
C GLY B 33 -35.62 2.78 -10.26
N THR B 34 -36.03 3.89 -10.90
CA THR B 34 -35.59 5.21 -10.46
C THR B 34 -36.76 6.21 -10.29
N GLU B 35 -38.00 5.76 -10.48
CA GLU B 35 -39.18 6.63 -10.35
C GLU B 35 -39.98 6.33 -9.09
N VAL B 36 -39.71 5.17 -8.49
CA VAL B 36 -40.49 4.73 -7.33
C VAL B 36 -40.35 5.67 -6.11
N SER B 37 -41.46 5.97 -5.44
CA SER B 37 -41.39 6.80 -4.30
C SER B 37 -40.75 6.03 -3.11
N PHE B 38 -40.25 6.81 -2.18
CA PHE B 38 -39.50 6.23 -1.05
C PHE B 38 -40.51 5.40 -0.26
N PRO B 39 -41.68 5.96 0.10
CA PRO B 39 -42.60 5.10 0.86
C PRO B 39 -42.98 3.81 0.14
N LYS B 40 -43.18 3.91 -1.16
CA LYS B 40 -43.48 2.75 -1.95
C LYS B 40 -42.30 1.79 -2.07
N ARG B 41 -41.08 2.32 -2.20
CA ARG B 41 -39.89 1.48 -2.20
C ARG B 41 -39.88 0.64 -0.92
N VAL B 42 -40.08 1.30 0.21
CA VAL B 42 -40.06 0.59 1.51
C VAL B 42 -41.19 -0.48 1.61
N LYS B 43 -42.41 -0.10 1.23
CA LYS B 43 -43.62 -0.96 1.32
C LYS B 43 -43.55 -2.18 0.42
N VAL B 44 -43.13 -2.01 -0.84
CA VAL B 44 -42.98 -3.11 -1.79
C VAL B 44 -41.92 -4.09 -1.29
N ALA B 45 -40.80 -3.58 -0.82
CA ALA B 45 -39.75 -4.44 -0.21
C ALA B 45 -40.29 -5.22 0.97
N ALA B 46 -40.96 -4.54 1.89
CA ALA B 46 -41.44 -5.17 3.10
C ALA B 46 -42.45 -6.26 2.77
N GLU B 47 -43.44 -5.94 1.95
CA GLU B 47 -44.51 -6.88 1.69
C GLU B 47 -43.97 -8.10 0.97
N ASN B 48 -42.83 -7.95 0.28
CA ASN B 48 -42.27 -9.02 -0.56
C ASN B 48 -41.17 -9.84 0.11
N GLY B 49 -41.00 -9.63 1.40
CA GLY B 49 -40.14 -10.48 2.22
C GLY B 49 -38.73 -10.01 2.52
N PHE B 50 -38.35 -8.84 1.98
CA PHE B 50 -37.00 -8.33 2.17
C PHE B 50 -36.76 -7.78 3.58
N ASP B 51 -35.51 -7.92 4.02
CA ASP B 51 -35.10 -7.44 5.32
C ASP B 51 -34.66 -6.00 5.18
N GLY B 52 -34.18 -5.64 3.99
CA GLY B 52 -33.62 -4.30 3.81
C GLY B 52 -33.86 -3.77 2.42
N ILE B 53 -33.58 -2.48 2.25
CA ILE B 53 -33.55 -1.91 0.93
C ILE B 53 -32.23 -1.25 0.73
N GLY B 54 -31.80 -1.26 -0.53
CA GLY B 54 -30.71 -0.38 -0.97
C GLY B 54 -31.15 1.00 -1.43
N LEU B 55 -30.37 2.00 -1.05
CA LEU B 55 -30.65 3.36 -1.47
C LEU B 55 -29.46 4.01 -2.17
N ARG B 56 -29.76 4.65 -3.30
CA ARG B 56 -28.87 5.54 -3.99
C ARG B 56 -28.98 6.94 -3.43
N ALA B 57 -27.88 7.69 -3.53
CA ALA B 57 -27.87 9.09 -3.18
C ALA B 57 -29.01 9.85 -3.90
N GLU B 58 -29.27 9.48 -5.15
CA GLU B 58 -30.23 10.14 -5.98
C GLU B 58 -31.62 9.89 -5.40
N ASN B 59 -31.86 8.65 -4.89
CA ASN B 59 -33.12 8.32 -4.24
C ASN B 59 -33.35 9.18 -2.96
N TYR B 60 -32.27 9.37 -2.21
CA TYR B 60 -32.33 10.16 -0.96
C TYR B 60 -32.62 11.66 -1.27
N VAL B 61 -31.96 12.22 -2.29
CA VAL B 61 -32.21 13.61 -2.71
C VAL B 61 -33.65 13.76 -3.13
N ASP B 62 -34.15 12.78 -3.87
CA ASP B 62 -35.52 12.81 -4.38
C ASP B 62 -36.51 12.80 -3.24
N ALA B 63 -36.24 12.03 -2.19
CA ALA B 63 -37.13 11.92 -1.05
C ALA B 63 -37.16 13.27 -0.32
N LEU B 64 -35.97 13.82 -0.06
CA LEU B 64 -35.86 15.17 0.49
C LEU B 64 -36.69 16.18 -0.35
N ALA B 65 -36.49 16.17 -1.67
CA ALA B 65 -37.22 17.06 -2.59
C ALA B 65 -38.73 16.87 -2.44
N ALA B 66 -39.14 15.65 -2.11
CA ALA B 66 -40.54 15.33 -1.96
C ALA B 66 -41.17 15.94 -0.68
N GLY B 67 -40.36 16.49 0.21
CA GLY B 67 -40.81 17.01 1.50
C GLY B 67 -40.51 16.10 2.68
N LEU B 68 -39.92 14.95 2.43
CA LEU B 68 -39.62 14.02 3.49
C LEU B 68 -38.35 14.46 4.19
N THR B 69 -38.32 14.33 5.49
CA THR B 69 -37.12 14.62 6.26
C THR B 69 -36.45 13.30 6.58
N ASP B 70 -35.19 13.37 6.99
CA ASP B 70 -34.50 12.18 7.57
C ASP B 70 -35.38 11.52 8.64
N GLU B 71 -36.03 12.34 9.49
CA GLU B 71 -36.94 11.78 10.48
C GLU B 71 -38.11 11.00 9.86
N ASP B 72 -38.74 11.54 8.81
CA ASP B 72 -39.85 10.85 8.19
C ASP B 72 -39.34 9.53 7.60
N LEU B 74 -36.76 7.62 8.48
CA LEU B 74 -36.59 6.62 9.57
C LEU B 74 -37.95 6.08 10.13
N ARG B 75 -38.91 6.98 10.35
CA ARG B 75 -40.24 6.60 10.80
C ARG B 75 -40.88 5.57 9.87
N ILE B 76 -40.84 5.85 8.57
CA ILE B 76 -41.51 5.04 7.54
C ILE B 76 -40.89 3.62 7.44
N LEU B 77 -39.56 3.59 7.50
CA LEU B 77 -38.85 2.33 7.65
C LEU B 77 -39.37 1.57 8.88
N ASP B 78 -39.36 2.25 10.03
CA ASP B 78 -39.82 1.67 11.30
C ASP B 78 -41.22 1.11 11.17
N GLU B 79 -42.12 1.86 10.50
CA GLU B 79 -43.50 1.40 10.30
C GLU B 79 -43.57 0.07 9.57
N HIS B 80 -42.65 -0.18 8.63
CA HIS B 80 -42.64 -1.47 7.89
C HIS B 80 -41.63 -2.50 8.44
N ASN B 81 -41.08 -2.25 9.61
CA ASN B 81 -39.97 -3.05 10.17
CA ASN B 81 -40.01 -3.08 10.15
C ASN B 81 -38.92 -3.30 9.07
N LYS B 83 -35.16 -1.66 7.15
CA LYS B 83 -33.94 -0.86 7.24
C LYS B 83 -33.40 -0.54 5.84
N VAL B 84 -32.69 0.59 5.74
CA VAL B 84 -31.75 0.80 4.65
C VAL B 84 -30.50 0.07 5.10
N THR B 85 -30.09 -0.89 4.25
CA THR B 85 -28.97 -1.80 4.55
C THR B 85 -27.81 -1.74 3.53
N GLU B 86 -27.99 -0.93 2.46
CA GLU B 86 -26.98 -0.68 1.46
C GLU B 86 -27.18 0.76 1.00
N VAL B 87 -26.06 1.42 0.72
CA VAL B 87 -25.93 2.83 0.32
C VAL B 87 -24.93 2.92 -0.84
N GLU B 88 -25.24 3.76 -1.83
CA GLU B 88 -24.45 3.85 -3.06
C GLU B 88 -24.74 5.18 -3.79
N TYR B 89 -23.96 5.56 -4.80
CA TYR B 89 -22.81 4.81 -5.35
C TYR B 89 -21.72 5.80 -5.61
N ILE B 90 -20.56 5.62 -5.01
CA ILE B 90 -19.49 6.61 -5.19
C ILE B 90 -18.70 6.26 -6.47
N THR B 91 -18.62 7.21 -7.39
CA THR B 91 -17.81 7.06 -8.59
C THR B 91 -16.96 8.33 -8.79
N GLN B 92 -16.30 8.43 -9.94
CA GLN B 92 -15.58 9.66 -10.32
C GLN B 92 -14.58 10.11 -9.31
N TRP B 93 -14.03 9.19 -8.54
CA TRP B 93 -13.12 9.56 -7.47
C TRP B 93 -11.67 9.36 -7.83
N GLY B 94 -11.40 9.08 -9.10
CA GLY B 94 -10.06 8.55 -9.52
C GLY B 94 -8.99 9.60 -9.82
N THR B 95 -9.42 10.82 -10.16
CA THR B 95 -8.52 11.93 -10.51
C THR B 95 -9.11 13.25 -9.98
N ALA B 96 -8.28 14.27 -9.77
CA ALA B 96 -8.81 15.51 -9.17
C ALA B 96 -9.73 16.27 -10.13
N GLU B 97 -9.55 16.02 -11.43
CA GLU B 97 -10.45 16.49 -12.49
C GLU B 97 -11.85 15.95 -12.22
N ASP B 98 -11.90 14.69 -11.81
CA ASP B 98 -13.17 14.03 -11.75
C ASP B 98 -13.85 14.31 -10.43
N ARG B 99 -13.08 14.73 -9.43
CA ARG B 99 -13.58 15.05 -8.09
C ARG B 99 -14.07 16.48 -8.06
N THR B 100 -15.16 16.70 -8.78
CA THR B 100 -15.86 17.96 -8.86
C THR B 100 -16.54 18.27 -7.54
N ALA B 101 -17.13 19.44 -7.45
CA ALA B 101 -17.91 19.79 -6.26
C ALA B 101 -19.21 18.95 -6.13
N GLU B 102 -19.82 18.53 -7.25
CA GLU B 102 -20.95 17.61 -7.18
C GLU B 102 -20.50 16.27 -6.68
N GLN B 103 -19.36 15.78 -7.20
CA GLN B 103 -18.81 14.46 -6.85
C GLN B 103 -18.50 14.37 -5.37
N GLN B 104 -17.99 15.46 -4.80
CA GLN B 104 -17.65 15.55 -3.38
C GLN B 104 -18.90 15.67 -2.51
N LYS B 105 -19.86 16.44 -2.99
CA LYS B 105 -21.15 16.50 -2.37
C LYS B 105 -21.80 15.10 -2.35
N LYS B 106 -21.70 14.37 -3.44
CA LYS B 106 -22.28 13.02 -3.49
C LYS B 106 -21.58 12.10 -2.46
N GLU B 107 -20.25 12.11 -2.44
CA GLU B 107 -19.51 11.41 -1.35
C GLU B 107 -20.08 11.73 0.03
N GLN B 108 -20.15 13.02 0.35
CA GLN B 108 -20.64 13.49 1.66
C GLN B 108 -22.09 13.04 1.92
N THR B 109 -22.89 13.06 0.86
CA THR B 109 -24.27 12.59 0.94
C THR B 109 -24.31 11.12 1.33
N THR B 110 -23.53 10.25 0.68
CA THR B 110 -23.58 8.82 1.04
C THR B 110 -23.05 8.57 2.48
N PHE B 111 -22.05 9.36 2.92
CA PHE B 111 -21.50 9.23 4.31
C PHE B 111 -22.64 9.51 5.29
N HIS B 112 -23.36 10.59 4.99
CA HIS B 112 -24.42 11.04 5.84
C HIS B 112 -25.48 9.94 5.87
N ALA B 114 -25.24 6.69 5.33
CA ALA B 114 -24.68 5.58 6.04
C ALA B 114 -24.85 5.83 7.49
N ARG B 115 -24.41 6.97 7.96
CA ARG B 115 -24.52 7.24 9.38
C ARG B 115 -26.00 7.29 9.86
N LEU B 116 -26.84 7.92 9.06
CA LEU B 116 -28.24 8.06 9.37
C LEU B 116 -28.94 6.69 9.46
N PHE B 117 -28.69 5.80 8.51
CA PHE B 117 -29.51 4.59 8.38
C PHE B 117 -28.88 3.43 9.11
N GLY B 118 -27.65 3.63 9.59
CA GLY B 118 -26.92 2.58 10.34
C GLY B 118 -26.29 1.57 9.42
N VAL B 119 -25.73 2.05 8.30
CA VAL B 119 -24.99 1.26 7.31
C VAL B 119 -23.48 1.53 7.44
N LYS B 120 -22.68 0.47 7.49
CA LYS B 120 -21.26 0.61 7.77
C LYS B 120 -20.37 0.51 6.51
N HIS B 121 -20.99 0.28 5.35
CA HIS B 121 -20.24 0.27 4.09
C HIS B 121 -21.01 1.02 3.02
N ILE B 122 -20.25 1.63 2.10
CA ILE B 122 -20.79 2.31 0.92
C ILE B 122 -20.24 1.67 -0.35
N ASN B 123 -21.14 1.34 -1.28
CA ASN B 123 -20.77 0.84 -2.61
C ASN B 123 -20.06 1.86 -3.50
N CYS B 124 -19.02 1.38 -4.16
CA CYS B 124 -18.11 2.22 -4.95
C CYS B 124 -17.56 1.47 -6.14
N GLY B 125 -17.44 2.19 -7.25
CA GLY B 125 -16.88 1.69 -8.49
C GLY B 125 -16.02 2.74 -9.18
N LEU B 126 -15.25 2.29 -10.18
CA LEU B 126 -14.41 3.15 -11.10
C LEU B 126 -14.49 2.89 -12.70
N LEU B 127 -15.46 3.55 -13.28
CA LEU B 127 -15.58 3.48 -14.73
C LEU B 127 -14.22 3.84 -15.34
N GLU B 128 -13.71 5.02 -14.96
CA GLU B 128 -12.49 5.61 -15.52
C GLU B 128 -11.30 4.65 -15.57
N LYS B 129 -10.86 4.36 -16.80
CA LYS B 129 -9.71 3.50 -16.99
C LYS B 129 -8.44 4.34 -16.79
N ILE B 130 -8.04 4.39 -15.53
CA ILE B 130 -6.88 5.18 -15.15
C ILE B 130 -5.76 4.23 -14.79
N PRO B 131 -4.52 4.71 -14.96
CA PRO B 131 -3.39 3.92 -14.52
C PRO B 131 -3.65 3.43 -13.09
N GLU B 132 -3.23 2.20 -12.78
CA GLU B 132 -3.38 1.62 -11.42
C GLU B 132 -2.66 2.35 -10.27
N GLU B 133 -1.60 3.08 -10.58
CA GLU B 133 -0.86 3.77 -9.51
C GLU B 133 -1.74 4.92 -8.99
N GLN B 134 -2.47 5.54 -9.92
CA GLN B 134 -3.41 6.61 -9.58
C GLN B 134 -4.60 6.10 -8.75
N ILE B 135 -5.11 4.93 -9.13
CA ILE B 135 -6.27 4.31 -8.46
C ILE B 135 -5.96 4.01 -7.01
N ILE B 136 -4.83 3.37 -6.77
CA ILE B 136 -4.42 3.02 -5.42
C ILE B 136 -4.34 4.29 -4.57
N VAL B 137 -3.64 5.31 -5.07
CA VAL B 137 -3.53 6.60 -4.40
C VAL B 137 -4.95 7.16 -4.14
N ALA B 138 -5.76 7.26 -5.18
CA ALA B 138 -7.11 7.80 -5.03
C ALA B 138 -8.02 6.95 -4.11
N LEU B 139 -7.75 5.65 -4.06
CA LEU B 139 -8.52 4.78 -3.19
C LEU B 139 -8.19 4.99 -1.73
N GLY B 140 -6.91 5.17 -1.37
CA GLY B 140 -6.61 5.59 0.01
C GLY B 140 -7.52 6.76 0.41
N GLU B 141 -7.09 7.91 -0.13
CA GLU B 141 -7.68 9.23 0.08
C GLU B 141 -9.19 9.13 0.32
N LEU B 142 -9.86 8.29 -0.49
CA LEU B 142 -11.29 8.06 -0.32
C LEU B 142 -11.54 7.35 0.99
N CYS B 143 -10.82 6.26 1.20
CA CYS B 143 -10.92 5.56 2.46
C CYS B 143 -10.62 6.48 3.63
N ASP B 144 -9.71 7.45 3.43
CA ASP B 144 -9.41 8.46 4.47
C ASP B 144 -10.58 9.40 4.68
N ARG B 145 -11.16 9.93 3.61
CA ARG B 145 -12.36 10.79 3.82
C ARG B 145 -13.52 10.04 4.45
N ALA B 146 -13.63 8.73 4.16
CA ALA B 146 -14.71 7.91 4.77
C ALA B 146 -14.56 7.72 6.29
N GLU B 147 -13.37 7.94 6.84
CA GLU B 147 -13.13 7.79 8.26
C GLU B 147 -13.46 6.37 8.64
N GLU B 148 -14.49 6.16 9.45
CA GLU B 148 -14.87 4.83 9.95
C GLU B 148 -15.67 3.97 8.94
N LEU B 149 -16.25 4.61 7.94
CA LEU B 149 -17.10 3.89 7.02
C LEU B 149 -16.27 3.05 6.04
N ILE B 150 -16.75 1.85 5.74
CA ILE B 150 -16.05 0.95 4.82
C ILE B 150 -16.36 1.28 3.35
N ILE B 151 -15.34 1.28 2.49
CA ILE B 151 -15.53 1.49 1.06
C ILE B 151 -15.60 0.15 0.32
N GLY B 152 -16.71 -0.06 -0.37
CA GLY B 152 -17.00 -1.34 -0.97
C GLY B 152 -16.68 -1.25 -2.43
N LEU B 153 -15.45 -1.55 -2.77
CA LEU B 153 -15.03 -1.51 -4.16
C LEU B 153 -15.57 -2.69 -4.95
N GLU B 154 -16.37 -2.36 -5.93
CA GLU B 154 -16.98 -3.33 -6.81
C GLU B 154 -16.29 -3.40 -8.19
N PHE B 155 -15.65 -4.54 -8.50
CA PHE B 155 -15.14 -4.76 -9.87
C PHE B 155 -16.24 -4.83 -10.92
N PRO B 157 -16.44 -5.63 -15.38
CA PRO B 157 -15.49 -5.87 -16.49
C PRO B 157 -15.26 -4.67 -17.42
N TYR B 158 -16.16 -3.70 -17.40
CA TYR B 158 -16.12 -2.65 -18.39
C TYR B 158 -15.57 -1.37 -17.81
N SER B 159 -15.06 -1.49 -16.57
CA SER B 159 -14.61 -0.36 -15.77
C SER B 159 -13.09 -0.41 -15.59
N GLY B 160 -12.58 0.52 -14.78
CA GLY B 160 -11.13 0.61 -14.51
C GLY B 160 -10.60 -0.42 -13.55
N VAL B 161 -11.50 -1.04 -12.77
CA VAL B 161 -11.19 -2.18 -11.94
C VAL B 161 -11.97 -3.33 -12.59
N ALA B 162 -11.28 -4.06 -13.45
CA ALA B 162 -11.93 -4.97 -14.39
C ALA B 162 -12.27 -6.36 -13.82
N ASP B 163 -11.68 -6.75 -12.69
CA ASP B 163 -11.88 -8.08 -12.15
C ASP B 163 -11.57 -8.10 -10.65
N LEU B 164 -11.87 -9.22 -10.00
CA LEU B 164 -11.74 -9.33 -8.55
C LEU B 164 -10.31 -9.25 -8.00
N GLN B 165 -9.34 -9.72 -8.76
CA GLN B 165 -7.96 -9.63 -8.26
C GLN B 165 -7.45 -8.22 -8.41
N ALA B 166 -7.87 -7.54 -9.48
CA ALA B 166 -7.58 -6.13 -9.66
C ALA B 166 -8.11 -5.33 -8.47
N ALA B 167 -9.42 -5.46 -8.16
CA ALA B 167 -10.00 -4.81 -6.96
C ALA B 167 -9.24 -5.12 -5.65
N TRP B 168 -8.84 -6.37 -5.47
CA TRP B 168 -8.04 -6.72 -4.30
C TRP B 168 -6.66 -6.06 -4.35
N ARG B 169 -6.08 -6.07 -5.55
CA ARG B 169 -4.75 -5.50 -5.80
C ARG B 169 -4.68 -4.03 -5.36
N VAL B 170 -5.61 -3.23 -5.90
CA VAL B 170 -5.64 -1.79 -5.57
C VAL B 170 -6.03 -1.51 -4.09
N ALA B 171 -7.04 -2.23 -3.58
CA ALA B 171 -7.45 -2.12 -2.19
C ALA B 171 -6.30 -2.56 -1.25
N GLU B 172 -5.70 -3.71 -1.53
CA GLU B 172 -4.56 -4.15 -0.74
C GLU B 172 -3.47 -3.08 -0.76
N ALA B 173 -3.14 -2.59 -1.95
CA ALA B 173 -2.04 -1.66 -2.11
C ALA B 173 -2.23 -0.32 -1.37
N CYS B 174 -3.44 0.26 -1.38
CA CYS B 174 -3.64 1.54 -0.68
C CYS B 174 -3.41 1.37 0.82
N GLY B 175 -3.56 0.15 1.29
CA GLY B 175 -3.22 -0.19 2.65
C GLY B 175 -4.18 0.26 3.75
N ARG B 176 -5.34 0.80 3.37
CA ARG B 176 -6.37 1.13 4.32
C ARG B 176 -7.21 -0.10 4.66
N ASP B 177 -7.43 -0.24 5.96
CA ASP B 177 -8.24 -1.30 6.58
C ASP B 177 -9.69 -1.29 6.12
N ASN B 178 -10.18 -0.12 5.72
CA ASN B 178 -11.60 0.02 5.31
C ASN B 178 -11.84 -0.01 3.79
N ALA B 179 -10.83 -0.49 3.05
CA ALA B 179 -10.90 -0.72 1.65
C ALA B 179 -11.30 -2.17 1.50
N GLN B 180 -12.55 -2.38 1.13
CA GLN B 180 -13.09 -3.73 1.06
C GLN B 180 -13.75 -3.89 -0.26
N LEU B 181 -14.45 -5.01 -0.43
CA LEU B 181 -14.70 -5.55 -1.74
C LEU B 181 -16.16 -5.99 -1.86
N ILE B 182 -16.73 -5.67 -3.03
CA ILE B 182 -18.05 -6.14 -3.40
C ILE B 182 -18.02 -7.14 -4.59
N CYS B 183 -18.72 -8.28 -4.40
CA CYS B 183 -18.89 -9.28 -5.47
C CYS B 183 -20.34 -9.29 -5.95
N ASP B 184 -20.55 -8.80 -7.18
CA ASP B 184 -21.86 -8.78 -7.85
C ASP B 184 -21.84 -9.93 -8.89
N THR B 185 -22.83 -10.81 -8.81
CA THR B 185 -22.93 -11.95 -9.75
C THR B 185 -22.78 -11.51 -11.24
N TRP B 186 -23.39 -10.38 -11.62
CA TRP B 186 -23.44 -10.02 -13.02
C TRP B 186 -21.98 -9.81 -13.43
N HIS B 187 -21.27 -8.99 -12.62
CA HIS B 187 -19.87 -8.61 -12.93
C HIS B 187 -18.93 -9.81 -12.85
N TRP B 188 -19.14 -10.66 -11.84
CA TRP B 188 -18.42 -11.92 -11.74
C TRP B 188 -18.50 -12.82 -13.00
N ALA B 189 -19.71 -13.12 -13.43
CA ALA B 189 -19.93 -13.91 -14.63
C ALA B 189 -19.42 -13.21 -15.87
N ARG B 190 -19.66 -11.91 -15.98
CA ARG B 190 -19.30 -11.22 -17.23
C ARG B 190 -17.80 -11.02 -17.33
N ALA B 191 -17.10 -11.10 -16.19
CA ALA B 191 -15.65 -11.11 -16.15
C ALA B 191 -15.06 -12.54 -16.02
N ASN B 192 -15.90 -13.55 -16.24
CA ASN B 192 -15.48 -14.93 -16.28
C ASN B 192 -14.67 -15.36 -15.09
N GLN B 193 -15.02 -14.85 -13.92
CA GLN B 193 -14.33 -15.22 -12.68
C GLN B 193 -14.69 -16.67 -12.31
N THR B 194 -13.83 -17.34 -11.53
CA THR B 194 -14.07 -18.74 -11.11
C THR B 194 -13.76 -18.89 -9.64
N ALA B 195 -13.84 -20.11 -9.14
CA ALA B 195 -13.40 -20.40 -7.78
C ALA B 195 -11.91 -20.13 -7.56
N GLU B 196 -11.18 -19.99 -8.66
CA GLU B 196 -9.76 -19.62 -8.63
C GLU B 196 -9.56 -18.11 -8.37
N SER B 197 -10.42 -17.28 -8.94
CA SER B 197 -10.35 -15.82 -8.73
C SER B 197 -10.36 -15.39 -7.27
N ILE B 198 -10.98 -16.18 -6.40
CA ILE B 198 -11.13 -15.81 -4.99
C ILE B 198 -10.05 -16.35 -4.06
N LYS B 199 -9.10 -17.12 -4.58
CA LYS B 199 -8.21 -17.92 -3.74
C LYS B 199 -7.30 -17.07 -2.89
N ASN B 200 -6.73 -16.03 -3.47
CA ASN B 200 -5.78 -15.24 -2.67
C ASN B 200 -6.39 -13.95 -2.02
N VAL B 201 -7.72 -13.82 -2.08
CA VAL B 201 -8.48 -12.67 -1.50
C VAL B 201 -8.97 -13.04 -0.10
N PRO B 202 -8.48 -12.32 0.94
CA PRO B 202 -8.97 -12.68 2.28
C PRO B 202 -10.51 -12.58 2.37
N ALA B 203 -11.17 -13.60 2.94
CA ALA B 203 -12.63 -13.60 2.98
C ALA B 203 -13.19 -12.44 3.78
N ASP B 204 -12.39 -11.87 4.68
CA ASP B 204 -12.91 -10.74 5.47
C ASP B 204 -12.80 -9.40 4.74
N ARG B 205 -12.27 -9.37 3.52
CA ARG B 205 -12.25 -8.14 2.69
C ARG B 205 -13.49 -8.01 1.79
N ILE B 206 -14.33 -9.04 1.79
CA ILE B 206 -15.52 -9.02 0.98
C ILE B 206 -16.68 -8.66 1.91
N VAL B 207 -17.15 -7.44 1.74
CA VAL B 207 -18.09 -6.84 2.65
C VAL B 207 -19.56 -7.02 2.22
N SER B 208 -19.74 -7.28 0.94
CA SER B 208 -21.06 -7.60 0.42
C SER B 208 -21.06 -8.39 -0.85
N ILE B 209 -22.20 -9.08 -1.02
CA ILE B 209 -22.51 -9.88 -2.17
C ILE B 209 -23.83 -9.33 -2.78
N GLN B 210 -23.86 -9.14 -4.10
CA GLN B 210 -25.08 -8.82 -4.82
C GLN B 210 -25.41 -9.96 -5.80
N LEU B 211 -26.62 -10.49 -5.67
CA LEU B 211 -27.17 -11.54 -6.50
C LEU B 211 -27.98 -11.06 -7.70
N CYS B 212 -27.80 -11.79 -8.80
CA CYS B 212 -28.54 -11.62 -10.02
C CYS B 212 -28.03 -12.69 -10.98
N ASP B 213 -28.23 -12.48 -12.28
CA ASP B 213 -27.83 -13.48 -13.25
C ASP B 213 -27.80 -12.81 -14.58
N VAL B 214 -27.33 -13.53 -15.58
CA VAL B 214 -26.92 -12.90 -16.83
C VAL B 214 -27.55 -13.66 -17.99
N HIS B 215 -27.72 -12.95 -19.11
CA HIS B 215 -28.19 -13.57 -20.36
C HIS B 215 -27.13 -14.56 -20.90
N GLU B 216 -27.59 -15.47 -21.77
CA GLU B 216 -26.73 -16.53 -22.36
C GLU B 216 -25.63 -15.89 -23.16
N THR B 217 -25.98 -14.96 -24.04
CA THR B 217 -25.00 -14.24 -24.84
C THR B 217 -24.96 -12.78 -24.40
N PRO B 218 -23.75 -12.26 -24.03
CA PRO B 218 -23.52 -10.85 -23.68
C PRO B 218 -23.82 -9.83 -24.79
N TYR B 219 -24.19 -8.61 -24.37
CA TYR B 219 -24.37 -7.47 -25.29
C TYR B 219 -23.03 -7.00 -25.82
N LYS B 220 -23.02 -6.34 -26.98
CA LYS B 220 -21.79 -5.74 -27.51
C LYS B 220 -21.36 -4.65 -26.54
N GLU B 221 -22.31 -3.82 -26.13
CA GLU B 221 -22.14 -2.84 -25.03
C GLU B 221 -22.56 -3.44 -23.70
N LEU B 222 -21.59 -4.07 -23.03
CA LEU B 222 -21.74 -4.63 -21.67
C LEU B 222 -22.40 -3.69 -20.65
N ARG B 223 -21.96 -2.43 -20.59
CA ARG B 223 -22.53 -1.49 -19.60
C ARG B 223 -24.02 -1.30 -19.83
N GLU B 224 -24.42 -1.32 -21.10
CA GLU B 224 -25.83 -1.21 -21.48
C GLU B 224 -26.59 -2.40 -20.82
N GLU B 225 -26.07 -3.61 -20.98
CA GLU B 225 -26.66 -4.85 -20.45
C GLU B 225 -26.79 -4.83 -18.92
N SER B 226 -25.66 -4.51 -18.29
CA SER B 226 -25.57 -4.31 -16.85
C SER B 226 -26.65 -3.42 -16.31
N LEU B 227 -26.89 -2.28 -16.95
CA LEU B 227 -27.78 -1.25 -16.38
C LEU B 227 -29.23 -1.33 -16.88
N HIS B 228 -29.53 -2.29 -17.76
CA HIS B 228 -30.89 -2.44 -18.30
C HIS B 228 -31.44 -3.84 -18.47
N ASP B 229 -30.58 -4.88 -18.45
CA ASP B 229 -31.04 -6.21 -18.88
C ASP B 229 -30.31 -7.36 -18.16
N ARG B 230 -30.41 -7.30 -16.83
CA ARG B 230 -30.02 -8.42 -15.96
C ARG B 230 -31.19 -9.39 -15.76
N LEU B 231 -30.85 -10.62 -15.32
CA LEU B 231 -31.84 -11.61 -15.03
C LEU B 231 -31.92 -11.89 -13.54
N ALA B 232 -32.99 -12.51 -13.09
CA ALA B 232 -33.14 -12.87 -11.67
C ALA B 232 -32.21 -14.04 -11.30
N PRO B 233 -31.81 -14.06 -10.04
CA PRO B 233 -30.88 -15.09 -9.58
C PRO B 233 -31.31 -16.50 -9.98
N GLY B 234 -30.36 -17.26 -10.53
CA GLY B 234 -30.63 -18.66 -10.95
C GLY B 234 -31.57 -18.82 -12.14
N GLU B 235 -31.95 -17.73 -12.80
CA GLU B 235 -32.81 -17.83 -13.98
C GLU B 235 -32.03 -17.61 -15.27
N GLY B 236 -30.72 -17.40 -15.17
CA GLY B 236 -29.91 -17.08 -16.33
C GLY B 236 -28.73 -18.02 -16.46
N TYR B 237 -27.65 -17.50 -17.01
CA TYR B 237 -26.59 -18.32 -17.57
C TYR B 237 -25.27 -18.13 -16.86
N GLY B 238 -25.30 -17.45 -15.72
CA GLY B 238 -24.08 -17.07 -14.99
C GLY B 238 -23.79 -17.87 -13.75
N ASP B 239 -24.52 -18.97 -13.54
CA ASP B 239 -24.35 -19.88 -12.37
C ASP B 239 -24.42 -19.16 -10.99
N THR B 240 -25.56 -18.55 -10.69
CA THR B 240 -25.70 -17.86 -9.41
C THR B 240 -25.41 -18.76 -8.20
N VAL B 241 -25.98 -19.97 -8.24
CA VAL B 241 -25.78 -20.94 -7.16
C VAL B 241 -24.29 -21.28 -6.93
N GLY B 242 -23.59 -21.64 -8.00
CA GLY B 242 -22.15 -21.80 -7.95
C GLY B 242 -21.38 -20.61 -7.33
N PHE B 243 -21.63 -19.40 -7.83
CA PHE B 243 -21.13 -18.14 -7.24
C PHE B 243 -21.33 -18.09 -5.72
N ALA B 244 -22.55 -18.35 -5.29
CA ALA B 244 -22.87 -18.20 -3.86
C ALA B 244 -22.15 -19.28 -3.05
N LYS B 245 -22.16 -20.51 -3.57
CA LYS B 245 -21.45 -21.61 -2.91
C LYS B 245 -19.95 -21.34 -2.74
N ILE B 246 -19.32 -20.81 -3.78
CA ILE B 246 -17.90 -20.46 -3.75
C ILE B 246 -17.62 -19.43 -2.62
N LEU B 247 -18.40 -18.36 -2.56
CA LEU B 247 -18.23 -17.33 -1.54
C LEU B 247 -18.48 -17.88 -0.12
N LYS B 248 -19.48 -18.73 0.04
CA LYS B 248 -19.81 -19.31 1.34
C LYS B 248 -18.62 -20.14 1.82
N GLU B 249 -18.15 -21.00 0.92
CA GLU B 249 -17.10 -21.94 1.30
C GLU B 249 -15.78 -21.24 1.55
N HIS B 250 -15.57 -20.15 0.81
CA HIS B 250 -14.42 -19.26 0.98
C HIS B 250 -14.39 -18.64 2.38
N GLY B 251 -15.56 -18.55 3.03
CA GLY B 251 -15.70 -18.04 4.38
C GLY B 251 -16.28 -16.63 4.43
N VAL B 252 -16.87 -16.15 3.34
CA VAL B 252 -17.39 -14.75 3.33
C VAL B 252 -18.58 -14.61 4.29
N ASN B 253 -18.55 -13.53 5.07
CA ASN B 253 -19.64 -13.21 5.96
C ASN B 253 -20.02 -11.81 5.64
N PRO B 254 -20.97 -11.69 4.73
CA PRO B 254 -21.27 -10.38 4.19
C PRO B 254 -22.23 -9.58 5.11
N ARG B 255 -22.09 -8.26 5.08
CA ARG B 255 -22.95 -7.37 5.88
C ARG B 255 -24.30 -7.23 5.21
N VAL B 256 -24.33 -7.53 3.92
CA VAL B 256 -25.59 -7.54 3.18
C VAL B 256 -25.55 -8.57 2.03
N GLY B 258 -27.36 -8.55 -1.21
CA GLY B 258 -28.14 -7.72 -2.07
C GLY B 258 -28.62 -8.54 -3.23
N VAL B 259 -29.72 -8.06 -3.79
CA VAL B 259 -30.34 -8.62 -4.95
C VAL B 259 -30.40 -7.40 -5.90
N GLU B 260 -29.50 -7.40 -6.88
CA GLU B 260 -29.41 -6.30 -7.80
C GLU B 260 -29.69 -6.77 -9.23
N VAL B 261 -30.99 -6.86 -9.53
CA VAL B 261 -31.51 -7.27 -10.81
C VAL B 261 -32.02 -6.06 -11.50
N ILE B 262 -31.20 -5.49 -12.37
CA ILE B 262 -31.52 -4.24 -13.08
C ILE B 262 -32.10 -4.60 -14.41
N SER B 263 -33.40 -4.34 -14.52
CA SER B 263 -34.22 -4.81 -15.64
C SER B 263 -35.33 -3.82 -15.94
N ASP B 264 -35.12 -3.13 -17.03
CA ASP B 264 -36.16 -2.25 -17.53
C ASP B 264 -37.49 -2.97 -17.69
N SER B 265 -37.46 -4.16 -18.27
CA SER B 265 -38.68 -4.94 -18.58
C SER B 265 -39.36 -5.38 -17.33
N VAL B 267 -39.39 -3.92 -14.35
CA VAL B 267 -39.99 -2.78 -13.65
C VAL B 267 -41.21 -2.23 -14.42
N ALA B 268 -41.09 -2.23 -15.72
CA ALA B 268 -42.18 -1.84 -16.59
C ALA B 268 -43.40 -2.75 -16.44
N THR B 269 -43.19 -4.02 -16.08
CA THR B 269 -44.28 -4.93 -15.76
C THR B 269 -44.98 -4.46 -14.46
N GLY B 270 -44.23 -4.41 -13.37
CA GLY B 270 -44.62 -3.62 -12.22
C GLY B 270 -43.56 -3.67 -11.13
N LEU B 271 -43.63 -2.74 -10.20
CA LEU B 271 -42.76 -2.72 -9.02
C LEU B 271 -42.89 -3.96 -8.16
N GLU B 272 -44.12 -4.32 -7.90
CA GLU B 272 -44.40 -5.53 -7.06
C GLU B 272 -44.06 -6.77 -7.79
N TYR B 273 -44.35 -6.78 -9.10
CA TYR B 273 -43.98 -7.92 -9.91
C TYR B 273 -42.47 -8.16 -9.84
N ALA B 274 -41.71 -7.07 -10.02
CA ALA B 274 -40.25 -7.16 -10.02
C ALA B 274 -39.74 -7.62 -8.66
N ALA B 275 -40.28 -7.04 -7.59
CA ALA B 275 -39.86 -7.36 -6.22
C ALA B 275 -40.15 -8.82 -5.87
N LEU B 276 -41.35 -9.26 -6.26
CA LEU B 276 -41.75 -10.68 -6.07
C LEU B 276 -40.90 -11.65 -6.89
N LYS B 277 -40.73 -11.34 -8.16
CA LYS B 277 -39.99 -12.24 -9.05
C LYS B 277 -38.59 -12.51 -8.51
N VAL B 278 -37.89 -11.44 -8.11
CA VAL B 278 -36.53 -11.63 -7.67
C VAL B 278 -36.40 -12.17 -6.27
N TYR B 279 -37.36 -11.88 -5.41
CA TYR B 279 -37.34 -12.51 -4.08
C TYR B 279 -37.43 -14.05 -4.21
N ASN B 280 -38.39 -14.52 -5.01
CA ASN B 280 -38.60 -15.96 -5.11
C ASN B 280 -37.37 -16.62 -5.70
N ALA B 281 -36.77 -15.94 -6.70
CA ALA B 281 -35.57 -16.43 -7.38
C ALA B 281 -34.40 -16.49 -6.43
N THR B 282 -34.26 -15.47 -5.61
CA THR B 282 -33.22 -15.43 -4.60
C THR B 282 -33.34 -16.59 -3.59
N LYS B 283 -34.57 -16.84 -3.14
CA LYS B 283 -34.85 -17.90 -2.16
C LYS B 283 -34.49 -19.24 -2.80
N LYS B 284 -34.84 -19.41 -4.07
CA LYS B 284 -34.42 -20.63 -4.74
C LYS B 284 -32.90 -20.84 -4.78
N VAL B 285 -32.16 -19.78 -5.09
CA VAL B 285 -30.72 -19.90 -5.21
C VAL B 285 -30.13 -20.13 -3.85
N LEU B 286 -30.55 -19.34 -2.85
CA LEU B 286 -29.98 -19.50 -1.48
C LEU B 286 -30.43 -20.73 -0.73
N ASP B 287 -31.69 -21.15 -0.94
CA ASP B 287 -32.16 -22.41 -0.35
C ASP B 287 -31.25 -23.52 -0.78
N GLU B 288 -30.74 -23.44 -2.03
CA GLU B 288 -29.80 -24.43 -2.55
C GLU B 288 -28.37 -24.16 -2.08
N ALA B 289 -27.90 -22.93 -2.22
CA ALA B 289 -26.45 -22.61 -2.11
C ALA B 289 -25.96 -22.29 -0.68
N TRP B 290 -26.83 -21.76 0.16
CA TRP B 290 -26.48 -21.12 1.42
C TRP B 290 -27.73 -21.08 2.24
N PRO B 291 -28.28 -22.24 2.54
CA PRO B 291 -29.56 -22.25 3.21
C PRO B 291 -29.57 -21.49 4.53
N GLU B 292 -28.46 -21.39 5.24
CA GLU B 292 -28.42 -20.69 6.55
C GLU B 292 -28.82 -19.22 6.44
N ILE B 293 -28.69 -18.65 5.25
CA ILE B 293 -28.87 -17.21 5.04
C ILE B 293 -30.12 -16.88 4.20
N SER B 294 -30.73 -17.92 3.65
CA SER B 294 -31.86 -17.82 2.71
C SER B 294 -33.07 -17.18 3.39
N PRO B 295 -33.82 -16.33 2.66
CA PRO B 295 -34.95 -15.63 3.28
C PRO B 295 -36.08 -16.56 3.69
#